data_1EPA
#
_entry.id   1EPA
#
_cell.length_a   39.330
_cell.length_b   58.670
_cell.length_c   66.270
_cell.angle_alpha   90.00
_cell.angle_beta   109.34
_cell.angle_gamma   90.00
#
_symmetry.space_group_name_H-M   'P 1 21 1'
#
loop_
_entity.id
_entity.type
_entity.pdbx_description
1 polymer 'EPIDIDYMAL RETINOIC ACID-BINDING PROTEIN'
2 water water
#
_entity_poly.entity_id   1
_entity_poly.type   'polypeptide(L)'
_entity_poly.pdbx_seq_one_letter_code
;AVVKDFDISKFLGFWYEIAFASKMGTPGLAHKEEKMGAMVVELKENLLALTTTYYSEDHCVLEKVTATEGDGPAKFQVTR
LSGKKEVVVEATDYLTYAIIDITSLVAGAVHRTMKLYSRSLDDNGEALYNFRKITSDHGFSETDLYILKHDLTCVKVLQS
AAES
;
_entity_poly.pdbx_strand_id   A,B
#
# COMPACT_ATOMS: atom_id res chain seq x y z
N VAL A 3 -14.83 -11.88 16.08
CA VAL A 3 -15.28 -12.96 15.23
C VAL A 3 -15.93 -13.88 16.26
N LYS A 4 -17.02 -14.62 15.97
CA LYS A 4 -17.75 -15.42 16.98
C LYS A 4 -17.19 -16.62 17.77
N ASP A 5 -16.81 -17.74 17.14
CA ASP A 5 -16.29 -18.89 17.86
C ASP A 5 -14.78 -18.85 17.69
N PHE A 6 -14.01 -18.48 18.70
CA PHE A 6 -12.59 -18.26 18.51
C PHE A 6 -11.84 -19.16 19.45
N ASP A 7 -10.76 -19.78 18.98
CA ASP A 7 -9.91 -20.66 19.73
C ASP A 7 -8.48 -20.24 19.46
N ILE A 8 -7.79 -19.79 20.51
CA ILE A 8 -6.45 -19.26 20.32
C ILE A 8 -5.37 -20.26 19.89
N SER A 9 -5.62 -21.57 19.97
CA SER A 9 -4.67 -22.57 19.46
C SER A 9 -4.46 -22.42 17.94
N LYS A 10 -5.54 -21.96 17.30
CA LYS A 10 -5.41 -21.58 15.93
C LYS A 10 -4.47 -20.42 15.64
N PHE A 11 -4.15 -19.51 16.58
CA PHE A 11 -3.44 -18.24 16.35
C PHE A 11 -2.06 -18.19 16.99
N LEU A 12 -1.64 -19.29 17.61
CA LEU A 12 -0.32 -19.36 18.18
C LEU A 12 0.75 -19.14 17.08
N GLY A 13 1.89 -18.55 17.37
CA GLY A 13 2.95 -18.56 16.40
C GLY A 13 3.19 -17.20 15.87
N PHE A 14 4.01 -17.23 14.82
CA PHE A 14 4.57 -16.07 14.15
C PHE A 14 3.57 -15.55 13.12
N TRP A 15 3.39 -14.22 13.16
CA TRP A 15 2.49 -13.54 12.24
C TRP A 15 3.27 -12.35 11.71
N TYR A 16 3.07 -11.91 10.48
CA TYR A 16 3.77 -10.74 9.93
C TYR A 16 2.77 -9.63 9.90
N GLU A 17 3.08 -8.39 10.17
CA GLU A 17 2.09 -7.34 10.14
C GLU A 17 2.20 -6.72 8.77
N ILE A 18 1.15 -6.91 7.97
CA ILE A 18 1.08 -6.50 6.57
C ILE A 18 0.62 -5.05 6.45
N ALA A 19 -0.25 -4.54 7.29
CA ALA A 19 -0.76 -3.19 7.13
C ALA A 19 -1.32 -2.75 8.47
N PHE A 20 -1.49 -1.45 8.66
CA PHE A 20 -2.19 -0.93 9.81
C PHE A 20 -2.95 0.31 9.44
N ALA A 21 -3.95 0.68 10.21
CA ALA A 21 -4.73 1.86 9.89
C ALA A 21 -4.66 2.74 11.12
N SER A 22 -4.33 4.03 11.08
CA SER A 22 -4.44 4.85 12.28
C SER A 22 -4.57 6.27 11.81
N LYS A 23 -5.09 7.10 12.68
CA LYS A 23 -5.13 8.56 12.51
C LYS A 23 -3.84 9.27 12.96
CA MET A 24 -2.33 8.87 14.95
CA GLY A 25 1.27 9.43 14.95
CA THR A 26 4.26 11.36 14.88
CA PRO A 27 4.25 9.89 11.47
CA GLY A 28 3.31 6.18 11.01
CA LEU A 29 5.60 3.19 11.37
CA ALA A 30 8.77 4.58 9.82
CA HIS A 31 10.43 7.99 9.25
CA LYS A 32 11.88 6.92 5.86
N GLU A 33 12.00 4.58 5.00
CA GLU A 33 11.42 3.33 4.57
C GLU A 33 10.84 2.74 5.85
N GLU A 34 9.64 2.17 5.76
CA GLU A 34 9.01 1.43 6.84
C GLU A 34 9.74 0.13 6.74
N LYS A 35 9.58 -0.66 7.78
CA LYS A 35 10.11 -2.00 7.86
C LYS A 35 8.92 -2.79 8.39
N MET A 36 8.69 -4.01 7.94
CA MET A 36 7.54 -4.81 8.39
C MET A 36 7.61 -5.08 9.86
N GLY A 37 6.47 -5.35 10.44
CA GLY A 37 6.26 -5.58 11.84
C GLY A 37 5.97 -7.04 12.01
N ALA A 38 5.97 -7.61 13.19
CA ALA A 38 5.66 -9.02 13.32
C ALA A 38 5.19 -9.24 14.70
N MET A 39 4.56 -10.37 14.87
CA MET A 39 4.13 -10.72 16.19
C MET A 39 4.43 -12.19 16.41
N VAL A 40 4.63 -12.58 17.68
CA VAL A 40 4.72 -13.97 18.13
C VAL A 40 3.62 -14.09 19.19
N VAL A 41 2.70 -15.00 19.06
CA VAL A 41 1.66 -15.23 20.04
C VAL A 41 1.99 -16.53 20.81
N GLU A 42 2.13 -16.49 22.12
CA GLU A 42 2.45 -17.63 22.94
C GLU A 42 1.40 -17.69 24.02
N LEU A 43 1.12 -18.85 24.60
CA LEU A 43 0.17 -19.01 25.72
C LEU A 43 1.12 -19.21 26.88
N LYS A 44 1.09 -18.42 27.95
CA LYS A 44 2.04 -18.62 29.01
C LYS A 44 1.19 -18.43 30.23
N GLU A 45 1.14 -19.54 30.96
CA GLU A 45 0.38 -19.76 32.19
C GLU A 45 -0.92 -19.00 32.29
N ASN A 46 -1.80 -19.49 31.41
CA ASN A 46 -3.18 -19.06 31.23
C ASN A 46 -3.42 -17.68 30.65
N LEU A 47 -2.39 -16.90 30.34
CA LEU A 47 -2.56 -15.61 29.69
C LEU A 47 -1.89 -15.67 28.31
N LEU A 48 -2.08 -14.62 27.55
CA LEU A 48 -1.57 -14.59 26.21
C LEU A 48 -0.30 -13.77 26.30
N ALA A 49 0.81 -14.31 25.87
CA ALA A 49 2.09 -13.66 25.93
C ALA A 49 2.29 -13.16 24.52
N LEU A 50 2.47 -11.86 24.28
CA LEU A 50 2.58 -11.35 22.93
C LEU A 50 3.86 -10.60 22.70
N THR A 51 4.80 -11.02 21.86
CA THR A 51 5.99 -10.25 21.55
C THR A 51 5.84 -9.59 20.19
N THR A 52 5.90 -8.28 20.02
CA THR A 52 5.69 -7.63 18.73
C THR A 52 6.94 -6.87 18.37
N THR A 53 7.22 -6.63 17.10
CA THR A 53 8.32 -5.76 16.70
C THR A 53 7.73 -4.86 15.63
N TYR A 54 8.23 -3.64 15.51
CA TYR A 54 7.86 -2.71 14.45
C TYR A 54 8.94 -1.65 14.44
N TYR A 55 9.04 -0.82 13.44
CA TYR A 55 10.00 0.28 13.31
C TYR A 55 9.38 1.52 13.99
N SER A 56 10.12 2.20 14.83
CA SER A 56 9.67 3.42 15.49
C SER A 56 10.95 4.20 15.39
N GLU A 57 10.71 5.28 14.61
CA GLU A 57 11.67 6.28 14.12
C GLU A 57 13.09 5.89 14.38
N ASP A 58 13.73 5.39 13.35
CA ASP A 58 15.11 4.86 13.42
C ASP A 58 15.34 3.47 13.99
N HIS A 59 14.47 2.70 14.66
CA HIS A 59 14.90 1.40 15.10
C HIS A 59 13.75 0.47 15.26
N CYS A 60 14.07 -0.82 15.28
CA CYS A 60 13.13 -1.89 15.62
C CYS A 60 12.98 -1.93 17.13
N VAL A 61 11.71 -1.86 17.48
CA VAL A 61 11.27 -1.93 18.85
C VAL A 61 10.78 -3.36 19.07
N LEU A 62 11.14 -3.99 20.18
CA LEU A 62 10.64 -5.29 20.54
C LEU A 62 9.77 -5.08 21.76
N GLU A 63 8.46 -5.20 21.72
CA GLU A 63 7.70 -5.11 22.93
C GLU A 63 7.30 -6.52 23.30
N LYS A 64 7.01 -6.76 24.56
CA LYS A 64 6.64 -8.06 25.08
C LYS A 64 5.48 -7.70 26.01
N VAL A 65 4.26 -8.13 25.78
CA VAL A 65 3.17 -7.77 26.67
C VAL A 65 2.44 -9.03 27.12
N THR A 66 1.53 -8.98 28.10
CA THR A 66 0.74 -10.15 28.46
C THR A 66 -0.71 -9.68 28.51
N ALA A 67 -1.62 -10.50 27.96
CA ALA A 67 -3.02 -10.16 27.82
C ALA A 67 -3.90 -11.13 28.63
N THR A 68 -5.08 -10.68 29.02
CA THR A 68 -6.06 -11.47 29.77
C THR A 68 -7.25 -11.47 28.84
N GLU A 69 -8.10 -12.46 28.90
CA GLU A 69 -9.29 -12.57 28.07
C GLU A 69 -10.31 -11.58 28.58
N GLY A 70 -11.09 -10.92 27.76
CA GLY A 70 -11.82 -9.78 28.27
C GLY A 70 -13.25 -9.64 27.84
N ASP A 71 -14.00 -10.69 28.20
CA ASP A 71 -15.42 -10.92 27.98
C ASP A 71 -15.66 -11.23 26.54
N GLY A 72 -16.04 -12.47 26.35
CA GLY A 72 -16.23 -12.87 24.97
C GLY A 72 -14.92 -13.22 24.28
N PRO A 73 -15.10 -13.99 23.19
CA PRO A 73 -14.21 -15.08 22.86
C PRO A 73 -12.88 -14.53 22.37
N ALA A 74 -12.88 -13.43 21.59
CA ALA A 74 -11.75 -12.88 20.89
C ALA A 74 -11.35 -11.49 21.38
N LYS A 75 -11.57 -11.11 22.64
CA LYS A 75 -11.29 -9.78 23.15
C LYS A 75 -10.30 -9.98 24.28
N PHE A 76 -9.27 -9.17 24.32
CA PHE A 76 -8.20 -9.37 25.23
C PHE A 76 -7.89 -7.97 25.70
N GLN A 77 -7.37 -7.86 26.92
CA GLN A 77 -7.03 -6.61 27.55
C GLN A 77 -5.62 -6.80 27.98
N VAL A 78 -4.87 -5.74 27.81
CA VAL A 78 -3.46 -5.63 28.12
C VAL A 78 -3.52 -4.51 29.19
N THR A 79 -3.12 -4.77 30.43
CA THR A 79 -3.16 -3.67 31.38
C THR A 79 -1.72 -3.20 31.50
N ARG A 80 -1.38 -2.03 31.00
CA ARG A 80 -0.05 -1.48 31.20
C ARG A 80 -0.13 -0.49 32.36
N LEU A 81 0.87 0.29 32.80
CA LEU A 81 0.74 1.05 34.03
C LEU A 81 -0.36 2.13 34.04
N SER A 82 -1.45 1.49 34.45
CA SER A 82 -2.84 1.95 34.44
C SER A 82 -3.27 3.04 33.45
N GLY A 83 -3.27 2.37 32.29
CA GLY A 83 -3.69 2.80 30.97
C GLY A 83 -3.94 1.46 30.21
N LYS A 84 -5.07 1.18 29.59
CA LYS A 84 -5.26 -0.12 28.97
C LYS A 84 -5.10 -0.14 27.45
N LYS A 85 -4.99 -1.35 26.90
CA LYS A 85 -5.03 -1.59 25.47
C LYS A 85 -6.14 -2.62 25.34
N GLU A 86 -7.10 -2.54 24.42
CA GLU A 86 -8.17 -3.51 24.30
C GLU A 86 -7.99 -4.02 22.90
N VAL A 87 -7.72 -5.30 22.69
CA VAL A 87 -7.50 -5.79 21.35
C VAL A 87 -8.65 -6.76 21.03
N VAL A 88 -9.30 -6.64 19.87
CA VAL A 88 -10.45 -7.45 19.51
C VAL A 88 -10.06 -8.13 18.25
N VAL A 89 -10.34 -9.38 17.97
CA VAL A 89 -10.16 -9.88 16.58
C VAL A 89 -11.45 -9.65 15.79
N GLU A 90 -11.36 -8.77 14.81
CA GLU A 90 -12.48 -8.38 14.00
C GLU A 90 -12.90 -9.35 12.97
N ALA A 91 -11.90 -9.93 12.27
CA ALA A 91 -12.19 -10.79 11.14
C ALA A 91 -11.01 -11.69 11.02
N THR A 92 -11.21 -12.92 10.58
CA THR A 92 -10.10 -13.83 10.38
C THR A 92 -10.65 -14.97 9.54
N ASP A 93 -9.80 -15.66 8.81
CA ASP A 93 -10.26 -16.84 8.11
C ASP A 93 -9.84 -18.09 8.81
N TYR A 94 -9.27 -17.88 9.99
CA TYR A 94 -8.72 -18.86 10.90
C TYR A 94 -7.53 -19.57 10.30
N LEU A 95 -7.02 -19.17 9.12
CA LEU A 95 -5.94 -19.92 8.47
C LEU A 95 -4.76 -19.11 8.00
N THR A 96 -5.00 -17.98 7.30
CA THR A 96 -3.95 -17.11 6.80
C THR A 96 -3.90 -15.68 7.37
N TYR A 97 -4.92 -15.09 7.96
CA TYR A 97 -4.84 -13.69 8.36
C TYR A 97 -5.71 -13.43 9.59
N ALA A 98 -5.49 -12.34 10.32
CA ALA A 98 -6.36 -11.91 11.38
C ALA A 98 -6.34 -10.41 11.35
N ILE A 99 -7.50 -9.77 11.46
CA ILE A 99 -7.59 -8.31 11.50
C ILE A 99 -7.87 -7.96 12.94
N ILE A 100 -7.10 -7.09 13.56
CA ILE A 100 -7.19 -6.80 14.98
C ILE A 100 -7.59 -5.33 15.17
N ASP A 101 -8.50 -5.05 16.11
CA ASP A 101 -8.83 -3.69 16.42
C ASP A 101 -8.20 -3.42 17.78
N ILE A 102 -7.43 -2.34 17.95
CA ILE A 102 -6.67 -2.04 19.18
C ILE A 102 -7.07 -0.62 19.60
N THR A 103 -7.58 -0.40 20.83
CA THR A 103 -7.86 0.90 21.39
C THR A 103 -6.92 0.99 22.56
N SER A 104 -6.01 1.97 22.60
CA SER A 104 -5.14 2.16 23.74
C SER A 104 -5.33 3.49 24.46
N LEU A 105 -5.24 3.49 25.78
CA LEU A 105 -5.22 4.69 26.56
C LEU A 105 -3.79 4.67 27.04
N VAL A 106 -3.04 5.51 26.39
CA VAL A 106 -1.65 5.63 26.68
C VAL A 106 -1.71 7.00 27.34
N ALA A 107 -1.79 6.89 28.67
CA ALA A 107 -1.81 8.01 29.60
C ALA A 107 -2.48 9.30 29.12
N GLY A 108 -3.81 9.30 29.18
CA GLY A 108 -4.56 10.42 28.67
C GLY A 108 -4.98 10.10 27.24
N ALA A 109 -4.04 9.93 26.31
CA ALA A 109 -4.40 9.78 24.90
C ALA A 109 -5.04 8.46 24.55
N VAL A 110 -5.99 8.51 23.64
CA VAL A 110 -6.66 7.33 23.13
C VAL A 110 -6.10 7.13 21.74
N HIS A 111 -5.75 5.89 21.39
CA HIS A 111 -5.33 5.53 20.04
C HIS A 111 -6.17 4.35 19.63
N ARG A 112 -6.58 4.38 18.39
CA ARG A 112 -7.44 3.39 17.83
C ARG A 112 -6.61 3.08 16.57
N THR A 113 -6.14 1.84 16.46
CA THR A 113 -5.29 1.35 15.38
C THR A 113 -5.96 0.10 14.96
N MET A 114 -5.86 -0.23 13.70
CA MET A 114 -6.31 -1.53 13.32
C MET A 114 -5.12 -2.14 12.58
N LYS A 115 -4.91 -3.47 12.60
CA LYS A 115 -3.76 -4.13 11.99
C LYS A 115 -4.17 -5.35 11.27
N LEU A 116 -3.46 -5.59 10.21
CA LEU A 116 -3.67 -6.82 9.45
C LEU A 116 -2.46 -7.69 9.71
N TYR A 117 -2.64 -8.84 10.34
CA TYR A 117 -1.59 -9.82 10.52
C TYR A 117 -1.87 -10.99 9.57
N SER A 118 -0.79 -11.50 8.99
CA SER A 118 -0.78 -12.58 8.04
C SER A 118 0.17 -13.69 8.48
N ARG A 119 -0.07 -14.90 8.01
CA ARG A 119 0.77 -16.07 8.27
C ARG A 119 1.92 -15.99 7.25
N SER A 120 1.78 -15.30 6.12
CA SER A 120 2.76 -15.29 5.05
C SER A 120 3.09 -13.90 4.48
N LEU A 121 4.14 -13.68 3.73
CA LEU A 121 4.55 -12.38 3.21
C LEU A 121 3.99 -12.16 1.81
N ASP A 122 3.49 -13.24 1.22
CA ASP A 122 3.03 -13.23 -0.15
C ASP A 122 1.52 -13.43 -0.16
N ASP A 123 0.96 -13.16 -1.32
CA ASP A 123 -0.44 -13.34 -1.63
C ASP A 123 -1.48 -13.06 -0.55
N ASN A 124 -1.41 -11.81 -0.12
CA ASN A 124 -2.28 -11.28 0.90
C ASN A 124 -3.36 -10.38 0.30
N GLY A 125 -3.53 -10.43 -1.02
CA GLY A 125 -4.43 -9.59 -1.81
C GLY A 125 -5.84 -9.54 -1.28
N GLU A 126 -6.45 -10.72 -1.09
CA GLU A 126 -7.81 -10.79 -0.52
C GLU A 126 -7.97 -10.29 0.94
N ALA A 127 -7.04 -10.67 1.83
CA ALA A 127 -6.98 -10.13 3.19
C ALA A 127 -6.78 -8.63 3.10
N LEU A 128 -6.08 -8.02 2.12
CA LEU A 128 -5.90 -6.57 2.12
C LEU A 128 -7.12 -5.84 1.65
N TYR A 129 -7.85 -6.45 0.75
CA TYR A 129 -9.08 -5.85 0.26
C TYR A 129 -10.08 -5.96 1.36
N ASN A 130 -10.17 -7.05 2.09
CA ASN A 130 -11.05 -7.08 3.25
C ASN A 130 -10.62 -6.07 4.31
N PHE A 131 -9.34 -5.81 4.42
CA PHE A 131 -8.83 -4.84 5.35
C PHE A 131 -9.32 -3.51 4.95
N ARG A 132 -9.33 -3.21 3.64
CA ARG A 132 -9.84 -1.91 3.25
C ARG A 132 -11.31 -1.72 3.56
N LYS A 133 -12.13 -2.73 3.33
CA LYS A 133 -13.57 -2.68 3.65
C LYS A 133 -13.81 -2.58 5.14
N ILE A 134 -13.12 -3.35 5.98
CA ILE A 134 -13.34 -3.24 7.41
C ILE A 134 -12.74 -1.96 7.91
N THR A 135 -11.60 -1.38 7.52
CA THR A 135 -11.26 -0.12 8.13
C THR A 135 -12.16 1.00 7.61
N SER A 136 -12.66 1.10 6.37
CA SER A 136 -13.56 2.20 6.02
C SER A 136 -14.80 2.12 6.88
N ASP A 137 -15.41 0.93 7.12
CA ASP A 137 -16.58 0.75 7.97
C ASP A 137 -16.26 1.27 9.35
N HIS A 138 -15.05 1.12 9.89
CA HIS A 138 -14.71 1.61 11.21
C HIS A 138 -14.30 3.03 11.23
N GLY A 139 -14.42 3.73 10.11
CA GLY A 139 -14.14 5.13 10.11
C GLY A 139 -12.74 5.55 9.74
N PHE A 140 -12.02 4.80 8.95
CA PHE A 140 -10.69 5.19 8.58
C PHE A 140 -10.74 5.50 7.13
N SER A 141 -10.03 6.52 6.74
CA SER A 141 -9.83 6.88 5.36
C SER A 141 -8.78 6.01 4.66
N GLU A 142 -8.78 5.92 3.33
CA GLU A 142 -7.71 5.29 2.56
C GLU A 142 -6.34 5.91 2.86
N THR A 143 -6.40 7.19 3.22
CA THR A 143 -5.26 7.99 3.64
C THR A 143 -4.68 7.49 4.96
N ASP A 144 -5.51 6.81 5.74
CA ASP A 144 -5.14 6.32 7.03
C ASP A 144 -4.57 4.93 6.99
N LEU A 145 -4.50 4.24 5.85
CA LEU A 145 -3.94 2.91 5.75
C LEU A 145 -2.46 2.93 5.34
N TYR A 146 -1.60 2.13 5.99
CA TYR A 146 -0.18 2.06 5.64
C TYR A 146 0.10 0.61 5.40
N ILE A 147 0.67 0.29 4.24
CA ILE A 147 1.00 -1.06 3.84
C ILE A 147 2.52 -1.10 4.04
N LEU A 148 2.97 -2.08 4.83
CA LEU A 148 4.34 -2.12 5.29
C LEU A 148 5.22 -2.53 4.17
N LYS A 149 6.36 -1.88 4.10
CA LYS A 149 7.37 -2.24 3.14
C LYS A 149 7.97 -3.59 3.52
N HIS A 150 8.36 -4.37 2.54
CA HIS A 150 8.99 -5.62 2.80
C HIS A 150 10.47 -5.49 3.23
N ASP A 151 10.79 -4.75 4.26
CA ASP A 151 12.13 -4.69 4.80
C ASP A 151 11.98 -5.57 5.98
N LEU A 152 12.67 -6.69 5.97
CA LEU A 152 12.52 -7.68 7.01
C LEU A 152 13.47 -7.69 8.17
N THR A 153 14.22 -6.62 8.45
CA THR A 153 15.16 -6.48 9.57
C THR A 153 14.56 -6.65 10.93
N CYS A 154 13.40 -6.04 11.20
CA CYS A 154 12.75 -6.18 12.49
C CYS A 154 12.17 -7.60 12.61
N VAL A 155 11.67 -8.15 11.50
CA VAL A 155 11.08 -9.50 11.45
C VAL A 155 12.13 -10.52 11.84
N LYS A 156 13.34 -10.37 11.27
CA LYS A 156 14.45 -11.30 11.47
C LYS A 156 14.99 -11.19 12.87
N VAL A 157 14.90 -9.99 13.44
CA VAL A 157 15.29 -9.77 14.81
C VAL A 157 14.42 -10.65 15.70
N LEU A 158 13.11 -10.57 15.52
CA LEU A 158 12.15 -11.35 16.30
C LEU A 158 12.27 -12.84 15.96
N GLN A 159 12.57 -13.22 14.70
CA GLN A 159 12.75 -14.62 14.34
C GLN A 159 13.87 -15.23 15.16
N SER A 160 14.93 -14.49 15.50
CA SER A 160 16.09 -15.04 16.19
C SER A 160 15.80 -15.59 17.58
N ALA A 161 15.12 -14.68 18.27
CA ALA A 161 14.73 -14.88 19.65
C ALA A 161 13.73 -13.75 19.98
N ALA A 162 14.26 -12.59 20.20
CA ALA A 162 13.53 -11.43 20.61
C ALA A 162 14.79 -10.70 21.12
N ALA B 1 -4.60 -3.35 -28.78
CA ALA B 1 -4.95 -2.63 -27.55
C ALA B 1 -5.34 -3.68 -26.50
N VAL B 2 -5.25 -3.56 -25.18
CA VAL B 2 -5.91 -4.61 -24.39
C VAL B 2 -7.30 -4.15 -24.03
N VAL B 3 -7.60 -2.88 -23.71
CA VAL B 3 -9.00 -2.51 -23.80
C VAL B 3 -9.27 -2.19 -25.30
N LYS B 4 -10.25 -2.84 -25.94
CA LYS B 4 -10.60 -2.59 -27.33
C LYS B 4 -11.73 -1.58 -27.60
N ASP B 5 -12.31 -0.76 -26.71
CA ASP B 5 -13.29 0.28 -27.07
C ASP B 5 -12.94 1.65 -26.47
N PHE B 6 -11.63 1.74 -26.39
CA PHE B 6 -10.99 2.82 -25.70
C PHE B 6 -11.26 4.09 -26.48
N ASP B 7 -11.51 5.19 -25.75
CA ASP B 7 -11.54 6.54 -26.34
C ASP B 7 -10.74 7.35 -25.34
N ILE B 8 -9.76 8.14 -25.77
CA ILE B 8 -8.98 8.91 -24.84
C ILE B 8 -9.80 10.05 -24.26
N SER B 9 -10.90 10.44 -24.90
CA SER B 9 -11.84 11.42 -24.40
C SER B 9 -12.34 11.15 -23.01
N LYS B 10 -12.34 9.88 -22.62
CA LYS B 10 -12.92 9.51 -21.36
C LYS B 10 -11.88 9.52 -20.28
N PHE B 11 -10.65 9.96 -20.64
CA PHE B 11 -9.48 9.83 -19.79
C PHE B 11 -8.76 11.13 -19.71
N LEU B 12 -9.34 12.27 -20.07
CA LEU B 12 -8.51 13.48 -20.03
C LEU B 12 -8.53 14.13 -18.67
N GLY B 13 -7.60 15.02 -18.30
CA GLY B 13 -7.67 15.63 -16.99
C GLY B 13 -6.69 15.06 -16.01
N PHE B 14 -7.06 15.01 -14.75
CA PHE B 14 -6.12 14.69 -13.71
C PHE B 14 -6.19 13.28 -13.15
N TRP B 15 -5.06 12.64 -12.89
CA TRP B 15 -5.08 11.31 -12.36
C TRP B 15 -4.05 11.23 -11.25
N TYR B 16 -4.27 10.45 -10.22
CA TYR B 16 -3.27 10.22 -9.19
C TYR B 16 -2.63 8.88 -9.48
N GLU B 17 -1.32 8.75 -9.25
CA GLU B 17 -0.71 7.45 -9.45
C GLU B 17 -0.68 6.81 -8.07
N ILE B 18 -1.59 5.87 -7.94
CA ILE B 18 -1.89 5.12 -6.73
C ILE B 18 -0.91 3.99 -6.46
N ALA B 19 -0.43 3.27 -7.46
CA ALA B 19 0.44 2.14 -7.25
C ALA B 19 1.20 1.87 -8.52
N PHE B 20 2.36 1.23 -8.39
CA PHE B 20 3.10 0.77 -9.57
C PHE B 20 3.75 -0.57 -9.23
N ALA B 21 4.18 -1.32 -10.22
CA ALA B 21 4.87 -2.57 -10.01
C ALA B 21 6.19 -2.47 -10.75
N SER B 22 7.40 -2.64 -10.21
CA SER B 22 8.64 -2.63 -11.01
C SER B 22 9.56 -3.69 -10.44
N LYS B 23 10.48 -4.36 -11.15
CA LYS B 23 11.42 -5.35 -10.57
C LYS B 23 12.86 -4.92 -10.34
CA MET B 24 14.88 -5.72 -9.05
CA GLY B 25 16.18 -2.14 -8.71
CA THR B 26 16.09 -0.25 -5.37
CA PRO B 27 14.70 2.20 -3.96
CA GLY B 28 13.00 2.87 -7.37
CA LEU B 29 9.81 4.17 -5.58
CA ALA B 30 11.21 7.52 -4.60
CA HIS B 31 14.46 7.54 -2.47
CA LYS B 32 14.10 8.45 1.32
N GLU B 33 11.73 8.97 1.25
CA GLU B 33 10.39 9.48 1.57
C GLU B 33 9.63 9.59 0.28
N GLU B 34 8.59 8.77 0.26
CA GLU B 34 7.73 8.69 -0.89
C GLU B 34 6.67 9.78 -1.03
N LYS B 35 6.59 10.27 -2.28
CA LYS B 35 5.62 11.29 -2.60
C LYS B 35 4.77 10.76 -3.75
N MET B 36 3.49 11.00 -3.59
CA MET B 36 2.61 10.60 -4.64
C MET B 36 2.84 11.30 -5.98
N GLY B 37 2.70 10.52 -7.05
CA GLY B 37 2.75 10.99 -8.41
C GLY B 37 1.34 11.22 -8.89
N ALA B 38 1.24 11.83 -10.03
CA ALA B 38 -0.02 12.20 -10.62
C ALA B 38 0.22 12.49 -12.09
N MET B 39 -0.82 12.69 -12.85
CA MET B 39 -0.65 12.89 -14.26
C MET B 39 -1.76 13.78 -14.76
N VAL B 40 -1.46 14.61 -15.74
CA VAL B 40 -2.43 15.42 -16.44
C VAL B 40 -2.31 14.92 -17.86
N VAL B 41 -3.45 14.53 -18.40
CA VAL B 41 -3.59 14.02 -19.74
C VAL B 41 -4.33 15.09 -20.49
N GLU B 42 -3.66 15.39 -21.58
CA GLU B 42 -4.08 16.48 -22.37
C GLU B 42 -4.19 16.13 -23.83
N LEU B 43 -5.27 16.49 -24.52
CA LEU B 43 -5.39 16.22 -25.96
C LEU B 43 -4.91 17.37 -26.87
N LYS B 44 -3.70 17.32 -27.42
CA LYS B 44 -3.22 18.39 -28.26
C LYS B 44 -3.05 17.86 -29.67
N GLU B 45 -4.19 17.80 -30.35
CA GLU B 45 -4.39 17.37 -31.74
C GLU B 45 -3.45 16.34 -32.32
N ASN B 46 -3.91 15.12 -32.48
CA ASN B 46 -3.09 13.95 -32.85
C ASN B 46 -1.98 13.68 -31.87
N LEU B 47 -1.69 14.52 -30.88
CA LEU B 47 -0.74 14.18 -29.86
C LEU B 47 -1.41 14.13 -28.49
N LEU B 48 -1.05 13.14 -27.67
CA LEU B 48 -1.42 13.11 -26.26
C LEU B 48 -0.38 13.86 -25.41
N ALA B 49 -0.59 14.99 -24.74
CA ALA B 49 0.44 15.58 -23.91
C ALA B 49 0.14 15.13 -22.50
N LEU B 50 1.14 14.48 -21.93
CA LEU B 50 1.11 13.92 -20.59
C LEU B 50 2.04 14.74 -19.75
N THR B 51 1.67 15.22 -18.58
CA THR B 51 2.57 15.88 -17.67
C THR B 51 2.38 15.09 -16.39
N THR B 52 3.49 14.59 -15.89
CA THR B 52 3.63 13.70 -14.75
C THR B 52 4.40 14.45 -13.68
N THR B 53 4.34 14.11 -12.39
CA THR B 53 5.20 14.71 -11.42
C THR B 53 5.56 13.50 -10.60
N TYR B 54 6.80 13.38 -10.16
CA TYR B 54 7.27 12.30 -9.29
C TYR B 54 8.38 12.92 -8.43
N TYR B 55 8.89 12.34 -7.34
CA TYR B 55 9.99 12.97 -6.58
C TYR B 55 11.32 12.47 -7.03
N SER B 56 12.13 13.27 -7.68
CA SER B 56 13.44 12.84 -8.09
C SER B 56 14.30 13.67 -7.14
N GLU B 57 14.25 12.84 -6.07
CA GLU B 57 14.83 13.00 -4.77
C GLU B 57 14.76 14.37 -4.13
N ASP B 58 15.57 15.37 -4.50
CA ASP B 58 15.49 16.59 -3.72
C ASP B 58 14.43 17.53 -4.22
N HIS B 59 13.70 17.06 -5.26
CA HIS B 59 12.63 17.81 -5.87
C HIS B 59 11.46 17.05 -6.54
N CYS B 60 10.33 17.72 -6.60
CA CYS B 60 9.17 17.24 -7.32
C CYS B 60 9.57 17.53 -8.74
N VAL B 61 9.71 16.57 -9.62
CA VAL B 61 9.98 16.89 -11.04
C VAL B 61 8.64 16.96 -11.77
N LEU B 62 8.48 17.88 -12.68
CA LEU B 62 7.35 17.93 -13.54
C LEU B 62 7.99 17.47 -14.83
N GLU B 63 7.41 16.51 -15.52
CA GLU B 63 8.01 15.97 -16.71
C GLU B 63 6.87 16.01 -17.69
N LYS B 64 6.94 16.65 -18.84
CA LYS B 64 5.84 16.70 -19.78
C LYS B 64 6.33 15.87 -20.98
N VAL B 65 5.52 15.14 -21.71
CA VAL B 65 6.06 14.24 -22.74
C VAL B 65 4.92 14.18 -23.73
N THR B 66 5.14 13.81 -24.97
CA THR B 66 4.07 13.61 -25.90
C THR B 66 3.94 12.12 -26.25
N ALA B 67 2.74 11.59 -26.45
CA ALA B 67 2.56 10.25 -26.87
C ALA B 67 1.81 10.32 -28.19
N THR B 68 2.05 9.33 -29.06
CA THR B 68 1.28 9.18 -30.31
C THR B 68 0.57 7.84 -30.27
N GLU B 69 -0.35 7.48 -31.13
CA GLU B 69 -1.03 6.21 -31.06
C GLU B 69 -0.10 5.13 -31.56
N GLY B 70 -0.19 3.93 -31.01
CA GLY B 70 0.78 2.93 -31.37
C GLY B 70 0.13 1.70 -31.97
N ASP B 71 -0.84 1.76 -32.89
CA ASP B 71 -1.38 0.52 -33.52
C ASP B 71 -2.05 -0.48 -32.57
N GLY B 72 -3.22 0.03 -32.22
CA GLY B 72 -4.17 -0.69 -31.39
C GLY B 72 -4.85 0.38 -30.60
N PRO B 73 -6.15 0.26 -30.27
CA PRO B 73 -6.98 1.37 -29.78
C PRO B 73 -6.38 2.21 -28.68
N ALA B 74 -6.02 1.42 -27.67
CA ALA B 74 -5.39 1.82 -26.42
C ALA B 74 -3.90 1.47 -26.32
N LYS B 75 -3.12 1.79 -27.34
CA LYS B 75 -1.67 1.52 -27.38
C LYS B 75 -1.04 2.85 -27.72
N PHE B 76 -0.08 3.35 -26.99
CA PHE B 76 0.46 4.65 -27.27
C PHE B 76 1.96 4.52 -27.30
N GLN B 77 2.68 5.39 -27.95
CA GLN B 77 4.12 5.25 -27.94
C GLN B 77 4.73 6.51 -27.38
N VAL B 78 5.75 6.55 -26.51
CA VAL B 78 6.33 7.83 -26.14
C VAL B 78 7.83 7.75 -26.39
N THR B 79 8.42 8.66 -27.17
CA THR B 79 9.83 8.52 -27.46
C THR B 79 10.56 9.54 -26.65
N ARG B 80 11.59 9.11 -25.96
CA ARG B 80 12.36 10.06 -25.19
C ARG B 80 13.85 9.89 -25.56
N LEU B 81 14.83 10.72 -25.17
CA LEU B 81 16.19 10.62 -25.65
C LEU B 81 16.81 9.31 -25.31
N SER B 82 16.30 8.70 -24.23
CA SER B 82 16.65 7.34 -23.87
C SER B 82 16.23 6.40 -25.02
N GLY B 83 14.95 6.06 -25.00
CA GLY B 83 14.42 5.16 -25.98
C GLY B 83 12.94 5.35 -25.84
N LYS B 84 12.31 4.41 -26.53
CA LYS B 84 10.89 4.33 -26.68
C LYS B 84 10.25 3.74 -25.44
N LYS B 85 9.03 4.17 -25.10
CA LYS B 85 8.27 3.50 -24.07
C LYS B 85 7.01 3.19 -24.83
N GLU B 86 6.40 2.09 -24.52
CA GLU B 86 5.23 1.68 -25.24
C GLU B 86 4.26 1.47 -24.09
N VAL B 87 3.13 2.16 -24.10
CA VAL B 87 2.25 2.12 -22.95
C VAL B 87 0.92 1.58 -23.44
N VAL B 88 0.26 0.76 -22.66
CA VAL B 88 -0.89 -0.01 -23.12
C VAL B 88 -1.94 0.19 -22.02
N VAL B 89 -3.24 0.47 -22.29
CA VAL B 89 -4.20 0.42 -21.21
C VAL B 89 -4.67 -1.03 -21.13
N GLU B 90 -4.42 -1.65 -19.99
CA GLU B 90 -4.75 -3.03 -19.71
C GLU B 90 -6.12 -3.27 -19.15
N ALA B 91 -6.71 -2.36 -18.40
CA ALA B 91 -8.04 -2.54 -17.81
C ALA B 91 -8.42 -1.18 -17.27
N THR B 92 -9.71 -0.90 -17.30
CA THR B 92 -10.25 0.33 -16.81
C THR B 92 -11.73 0.07 -16.66
N ASP B 93 -12.33 0.92 -15.84
CA ASP B 93 -13.76 0.89 -15.79
C ASP B 93 -14.39 2.03 -16.53
N TYR B 94 -13.52 2.86 -17.13
CA TYR B 94 -13.86 4.06 -17.91
C TYR B 94 -14.41 5.14 -17.04
N LEU B 95 -14.19 5.07 -15.73
CA LEU B 95 -14.88 6.02 -14.83
C LEU B 95 -14.03 6.36 -13.63
N THR B 96 -13.33 5.41 -12.99
CA THR B 96 -12.51 5.77 -11.85
C THR B 96 -11.02 5.45 -11.96
N TYR B 97 -10.61 4.47 -12.75
CA TYR B 97 -9.22 4.04 -12.73
C TYR B 97 -8.77 3.54 -14.12
N ALA B 98 -7.49 3.31 -14.34
CA ALA B 98 -6.96 2.83 -15.60
C ALA B 98 -5.72 2.09 -15.10
N ILE B 99 -5.47 0.88 -15.55
CA ILE B 99 -4.26 0.10 -15.21
C ILE B 99 -3.44 0.09 -16.49
N ILE B 100 -2.19 0.48 -16.38
CA ILE B 100 -1.33 0.68 -17.55
C ILE B 100 -0.08 -0.19 -17.49
N ASP B 101 0.18 -0.78 -18.65
CA ASP B 101 1.35 -1.61 -18.88
C ASP B 101 2.40 -0.78 -19.61
N ILE B 102 3.61 -0.60 -19.11
CA ILE B 102 4.66 0.21 -19.75
C ILE B 102 5.92 -0.66 -20.04
N THR B 103 6.28 -0.85 -21.31
CA THR B 103 7.54 -1.47 -21.74
C THR B 103 8.46 -0.30 -22.10
N SER B 104 9.68 -0.19 -21.59
CA SER B 104 10.48 1.00 -21.81
C SER B 104 11.89 0.56 -22.11
N LEU B 105 12.32 1.13 -23.21
CA LEU B 105 13.58 0.76 -23.80
C LEU B 105 14.59 1.89 -23.54
N VAL B 106 15.11 2.02 -22.33
CA VAL B 106 16.15 3.00 -21.99
C VAL B 106 17.49 2.49 -22.55
N ALA B 107 18.67 2.73 -21.93
CA ALA B 107 19.93 2.18 -22.44
C ALA B 107 19.93 0.64 -22.54
N GLY B 108 19.50 0.13 -23.68
CA GLY B 108 19.48 -1.31 -23.96
C GLY B 108 18.83 -2.20 -22.90
N ALA B 109 17.84 -1.65 -22.20
CA ALA B 109 17.14 -2.46 -21.20
C ALA B 109 15.74 -2.67 -21.75
N VAL B 110 14.97 -3.61 -21.15
CA VAL B 110 13.56 -3.79 -21.55
C VAL B 110 12.83 -4.05 -20.23
N HIS B 111 12.54 -3.05 -19.40
CA HIS B 111 11.72 -3.44 -18.28
C HIS B 111 10.33 -2.89 -18.53
N ARG B 112 9.48 -3.65 -17.87
CA ARG B 112 8.07 -3.44 -17.89
C ARG B 112 7.78 -2.96 -16.47
N THR B 113 6.93 -1.97 -16.41
CA THR B 113 6.41 -1.36 -15.20
C THR B 113 4.90 -1.37 -15.40
N MET B 114 4.09 -1.64 -14.39
CA MET B 114 2.65 -1.48 -14.59
C MET B 114 2.21 -0.37 -13.65
N LYS B 115 1.18 0.45 -13.88
CA LYS B 115 0.76 1.53 -12.98
C LYS B 115 -0.72 1.62 -12.80
N LEU B 116 -1.19 1.93 -11.61
CA LEU B 116 -2.62 2.11 -11.41
C LEU B 116 -2.87 3.59 -11.27
N TYR B 117 -3.66 4.20 -12.12
CA TYR B 117 -3.99 5.62 -12.07
C TYR B 117 -5.39 5.66 -11.57
N SER B 118 -5.68 6.62 -10.70
CA SER B 118 -7.06 6.78 -10.28
C SER B 118 -7.45 8.24 -10.29
N ARG B 119 -8.73 8.40 -10.50
CA ARG B 119 -9.37 9.71 -10.51
C ARG B 119 -9.44 10.24 -9.07
N SER B 120 -9.34 9.38 -8.06
CA SER B 120 -9.52 9.81 -6.71
C SER B 120 -8.55 9.12 -5.77
N LEU B 121 -8.52 9.79 -4.63
CA LEU B 121 -7.73 9.47 -3.44
C LEU B 121 -8.44 8.57 -2.43
N ASP B 122 -9.68 8.15 -2.66
CA ASP B 122 -10.40 7.25 -1.77
C ASP B 122 -11.22 6.23 -2.54
N ASP B 123 -11.55 5.15 -1.89
CA ASP B 123 -12.37 4.11 -2.48
C ASP B 123 -11.70 3.50 -3.71
N ASN B 124 -10.38 3.26 -3.53
CA ASN B 124 -9.58 2.58 -4.54
C ASN B 124 -9.44 1.11 -4.22
N GLY B 125 -10.29 0.53 -3.35
CA GLY B 125 -10.14 -0.85 -2.86
C GLY B 125 -10.19 -1.89 -3.97
N GLU B 126 -11.18 -1.60 -4.82
CA GLU B 126 -11.57 -2.47 -5.92
C GLU B 126 -10.50 -2.30 -6.99
N ALA B 127 -10.14 -1.11 -7.34
CA ALA B 127 -9.03 -0.92 -8.27
C ALA B 127 -7.74 -1.63 -7.83
N LEU B 128 -7.37 -1.55 -6.54
CA LEU B 128 -6.08 -2.11 -6.10
C LEU B 128 -6.11 -3.62 -6.05
N TYR B 129 -7.22 -4.25 -5.71
CA TYR B 129 -7.36 -5.70 -5.75
C TYR B 129 -7.18 -6.23 -7.20
N ASN B 130 -7.80 -5.49 -8.15
CA ASN B 130 -7.66 -5.73 -9.59
C ASN B 130 -6.25 -5.64 -10.08
N PHE B 131 -5.55 -4.59 -9.63
CA PHE B 131 -4.17 -4.37 -9.96
C PHE B 131 -3.29 -5.42 -9.33
N ARG B 132 -3.48 -5.83 -8.07
CA ARG B 132 -2.75 -6.96 -7.53
C ARG B 132 -3.06 -8.20 -8.38
N LYS B 133 -4.30 -8.56 -8.83
CA LYS B 133 -4.49 -9.76 -9.68
C LYS B 133 -3.79 -9.71 -11.05
N ILE B 134 -3.90 -8.60 -11.78
CA ILE B 134 -3.23 -8.39 -13.06
C ILE B 134 -1.69 -8.29 -12.96
N THR B 135 -1.04 -7.64 -11.97
CA THR B 135 0.43 -7.60 -11.90
C THR B 135 0.96 -9.00 -11.69
N SER B 136 0.20 -9.79 -10.90
CA SER B 136 0.44 -11.20 -10.59
C SER B 136 0.52 -12.07 -11.86
N ASP B 137 -0.53 -11.93 -12.63
CA ASP B 137 -0.66 -12.53 -13.93
C ASP B 137 0.46 -12.11 -14.87
N HIS B 138 1.13 -10.97 -14.61
CA HIS B 138 2.18 -10.50 -15.48
C HIS B 138 3.51 -10.75 -14.86
N GLY B 139 3.55 -11.64 -13.87
CA GLY B 139 4.82 -11.99 -13.34
C GLY B 139 5.29 -11.11 -12.21
N PHE B 140 4.48 -10.31 -11.53
CA PHE B 140 5.04 -9.57 -10.45
C PHE B 140 4.64 -10.17 -9.11
N SER B 141 5.55 -10.06 -8.17
CA SER B 141 5.34 -10.56 -6.83
C SER B 141 4.86 -9.45 -5.91
N GLU B 142 4.28 -9.73 -4.72
CA GLU B 142 3.82 -8.73 -3.77
C GLU B 142 5.02 -7.87 -3.40
N THR B 143 6.27 -8.33 -3.49
CA THR B 143 7.41 -7.45 -3.20
C THR B 143 7.71 -6.39 -4.23
N ASP B 144 7.14 -6.56 -5.44
CA ASP B 144 7.31 -5.68 -6.60
C ASP B 144 6.36 -4.52 -6.68
N LEU B 145 5.39 -4.51 -5.76
CA LEU B 145 4.34 -3.52 -5.86
C LEU B 145 4.65 -2.48 -4.83
N TYR B 146 4.35 -1.27 -5.18
CA TYR B 146 4.64 -0.18 -4.28
C TYR B 146 3.38 0.61 -4.33
N ILE B 147 2.79 0.78 -3.17
CA ILE B 147 1.56 1.53 -3.00
C ILE B 147 2.01 2.88 -2.52
N LEU B 148 1.74 3.97 -3.19
CA LEU B 148 2.34 5.26 -2.88
C LEU B 148 1.71 5.91 -1.67
N LYS B 149 2.53 6.64 -0.91
CA LYS B 149 2.12 7.29 0.31
C LYS B 149 1.34 8.51 -0.11
N HIS B 150 0.35 8.84 0.70
CA HIS B 150 -0.50 9.95 0.39
C HIS B 150 0.17 11.27 0.70
N ASP B 151 1.45 11.43 0.41
CA ASP B 151 2.11 12.71 0.58
C ASP B 151 1.88 13.40 -0.76
N LEU B 152 1.13 14.50 -0.79
CA LEU B 152 0.77 15.15 -2.03
C LEU B 152 1.65 16.34 -2.28
N THR B 153 2.92 16.41 -1.84
CA THR B 153 3.68 17.62 -2.14
C THR B 153 3.83 17.82 -3.64
N CYS B 154 4.26 16.78 -4.40
CA CYS B 154 4.42 16.90 -5.84
C CYS B 154 3.07 17.08 -6.53
N VAL B 155 2.08 16.30 -6.11
CA VAL B 155 0.74 16.39 -6.64
C VAL B 155 0.22 17.81 -6.67
N LYS B 156 0.38 18.55 -5.58
CA LYS B 156 -0.20 19.88 -5.51
C LYS B 156 0.55 20.81 -6.37
N VAL B 157 1.83 20.54 -6.63
CA VAL B 157 2.58 21.41 -7.55
C VAL B 157 2.05 21.08 -8.94
N LEU B 158 1.65 19.83 -9.24
CA LEU B 158 1.13 19.48 -10.55
C LEU B 158 -0.26 20.06 -10.68
N GLN B 159 -1.13 19.98 -9.67
CA GLN B 159 -2.45 20.58 -9.78
C GLN B 159 -2.38 22.06 -10.04
N SER B 160 -1.52 22.72 -9.28
CA SER B 160 -1.36 24.16 -9.35
C SER B 160 -0.72 24.53 -10.63
N ALA B 161 0.27 23.87 -11.12
CA ALA B 161 0.81 24.25 -12.38
C ALA B 161 -0.19 24.07 -13.48
N ALA B 162 -1.11 23.13 -13.33
CA ALA B 162 -2.16 22.93 -14.34
C ALA B 162 -3.34 23.93 -14.23
N GLU B 163 -3.72 24.39 -13.04
CA GLU B 163 -4.79 25.38 -12.82
C GLU B 163 -4.41 26.73 -13.41
N SER B 164 -3.34 27.43 -13.11
CA SER B 164 -3.10 28.61 -13.89
C SER B 164 -1.60 28.71 -14.06
#